data_5L8A
#
_entry.id   5L8A
#
_cell.length_a   36.100
_cell.length_b   36.280
_cell.length_c   55.310
_cell.angle_alpha   94.12
_cell.angle_beta   105.87
_cell.angle_gamma   100.54
#
_symmetry.space_group_name_H-M   'P 1'
#
loop_
_entity.id
_entity.type
_entity.pdbx_description
1 polymer 'Peroxin 14'
2 non-polymer 1-(2-hydroxyethyl)-5-[(4-methoxynaphthalen-1-yl)methyl]-~{N}-(phenylmethyl)-6,7-dihydro-4~{H}-pyrazolo[4,3-c]pyridine-3-carboxamide
3 non-polymer GLYCINE
4 non-polymer 'SODIUM ION'
5 non-polymer 1,2-ETHANEDIOL
6 water water
#
_entity_poly.entity_id   1
_entity_poly.type   'polypeptide(L)'
_entity_poly.pdbx_seq_one_letter_code
;GAMWHTHSEREKRVSNAVEFLLDSRVRRTPTSSKVHFLKSKGLSAEEICEAFTKVGQPKTLNEIKRILS
;
_entity_poly.pdbx_strand_id   A,B,C,D
#
# COMPACT_ATOMS: atom_id res chain seq x y z
N SER A 8 -12.24 5.96 -17.36
CA SER A 8 -12.59 6.74 -16.12
C SER A 8 -11.40 6.78 -15.14
N GLU A 9 -11.47 7.68 -14.16
CA GLU A 9 -10.43 7.78 -13.15
C GLU A 9 -10.49 6.54 -12.23
N ARG A 10 -11.69 5.99 -12.04
CA ARG A 10 -11.88 4.76 -11.32
C ARG A 10 -11.15 3.60 -12.01
N GLU A 11 -11.42 3.41 -13.29
CA GLU A 11 -10.80 2.29 -14.00
C GLU A 11 -9.28 2.46 -14.01
N LYS A 12 -8.80 3.69 -14.10
CA LYS A 12 -7.37 4.02 -14.04
C LYS A 12 -6.76 3.62 -12.69
N ARG A 13 -7.46 3.97 -11.60
CA ARG A 13 -7.05 3.54 -10.24
C ARG A 13 -6.94 2.02 -10.14
N VAL A 14 -8.00 1.31 -10.53
CA VAL A 14 -8.01 -0.12 -10.42
C VAL A 14 -6.94 -0.74 -11.33
N SER A 15 -6.80 -0.23 -12.55
CA SER A 15 -5.75 -0.75 -13.49
C SER A 15 -4.36 -0.55 -12.93
N ASN A 16 -4.10 0.63 -12.36
CA ASN A 16 -2.79 0.91 -11.74
C ASN A 16 -2.55 -0.06 -10.58
N ALA A 17 -3.60 -0.34 -9.79
CA ALA A 17 -3.49 -1.30 -8.69
C ALA A 17 -3.18 -2.68 -9.17
N VAL A 18 -3.88 -3.13 -10.23
CA VAL A 18 -3.55 -4.43 -10.81
C VAL A 18 -2.08 -4.56 -11.25
N GLU A 19 -1.59 -3.61 -12.02
CA GLU A 19 -0.19 -3.59 -12.46
C GLU A 19 0.75 -3.69 -11.24
N PHE A 20 0.39 -2.93 -10.21
CA PHE A 20 1.17 -2.92 -8.98
C PHE A 20 1.22 -4.32 -8.37
N LEU A 21 0.05 -4.90 -8.17
CA LEU A 21 -0.04 -6.16 -7.48
C LEU A 21 0.63 -7.31 -8.20
N LEU A 22 0.73 -7.22 -9.51
CA LEU A 22 1.39 -8.23 -10.31
C LEU A 22 2.92 -8.26 -10.21
N ASP A 23 3.49 -7.17 -9.75
CA ASP A 23 4.96 -7.06 -9.66
C ASP A 23 5.50 -8.14 -8.73
N SER A 24 6.57 -8.81 -9.15
CA SER A 24 7.11 -9.96 -8.37
C SER A 24 7.57 -9.61 -6.93
N ARG A 25 8.11 -8.43 -6.76
CA ARG A 25 8.48 -7.92 -5.41
C ARG A 25 7.23 -7.64 -4.56
N VAL A 26 6.23 -7.12 -5.21
CA VAL A 26 5.04 -6.70 -4.54
C VAL A 26 4.33 -7.98 -4.07
N ARG A 27 4.36 -9.01 -4.91
CA ARG A 27 3.79 -10.31 -4.57
C ARG A 27 4.42 -10.89 -3.28
N ARG A 28 5.67 -10.55 -3.04
CA ARG A 28 6.36 -10.93 -1.81
C ARG A 28 6.21 -9.96 -0.64
N THR A 29 5.23 -9.04 -0.73
CA THR A 29 4.91 -8.08 0.33
C THR A 29 3.58 -8.48 0.94
N PRO A 30 3.42 -8.34 2.26
CA PRO A 30 2.15 -8.66 2.94
C PRO A 30 0.97 -7.87 2.45
N THR A 31 -0.17 -8.51 2.58
CA THR A 31 -1.42 -7.90 2.18
C THR A 31 -1.73 -6.57 2.84
N SER A 32 -1.55 -6.51 4.16
CA SER A 32 -1.83 -5.29 4.89
C SER A 32 -1.05 -4.10 4.35
N SER A 33 0.24 -4.30 4.10
CA SER A 33 1.10 -3.23 3.52
C SER A 33 0.54 -2.73 2.20
N LYS A 34 0.16 -3.67 1.33
CA LYS A 34 -0.35 -3.35 0.04
C LYS A 34 -1.66 -2.58 0.11
N VAL A 35 -2.52 -3.03 0.99
CA VAL A 35 -3.77 -2.39 1.21
C VAL A 35 -3.63 -0.93 1.70
N HIS A 36 -2.78 -0.71 2.72
CA HIS A 36 -2.52 0.67 3.14
C HIS A 36 -1.98 1.50 2.02
N PHE A 37 -1.08 0.90 1.23
CA PHE A 37 -0.49 1.63 0.11
C PHE A 37 -1.52 2.04 -0.92
N LEU A 38 -2.39 1.11 -1.25
CA LEU A 38 -3.41 1.42 -2.20
C LEU A 38 -4.34 2.48 -1.69
N LYS A 39 -4.68 2.44 -0.40
CA LYS A 39 -5.56 3.53 0.13
C LYS A 39 -4.83 4.88 -0.03
N SER A 40 -3.52 4.92 0.25
CA SER A 40 -2.74 6.15 0.13
C SER A 40 -2.70 6.71 -1.28
N LYS A 41 -2.94 5.84 -2.28
CA LYS A 41 -3.00 6.25 -3.68
C LYS A 41 -4.44 6.65 -4.06
N GLY A 42 -5.36 6.68 -3.10
CA GLY A 42 -6.72 7.15 -3.30
C GLY A 42 -7.80 6.13 -3.61
N LEU A 43 -7.48 4.83 -3.57
CA LEU A 43 -8.40 3.80 -3.86
C LEU A 43 -9.31 3.55 -2.66
N SER A 44 -10.56 3.27 -2.95
CA SER A 44 -11.54 2.86 -1.92
C SER A 44 -11.33 1.38 -1.63
N ALA A 45 -11.92 0.92 -0.53
CA ALA A 45 -11.80 -0.47 -0.16
C ALA A 45 -12.36 -1.31 -1.31
N GLU A 46 -13.45 -0.85 -1.92
CA GLU A 46 -14.09 -1.62 -2.99
C GLU A 46 -13.17 -1.79 -4.21
N GLU A 47 -12.48 -0.70 -4.54
CA GLU A 47 -11.55 -0.64 -5.67
C GLU A 47 -10.35 -1.59 -5.39
N ILE A 48 -9.83 -1.56 -4.16
CA ILE A 48 -8.81 -2.46 -3.70
C ILE A 48 -9.23 -3.94 -3.80
N CYS A 49 -10.45 -4.23 -3.35
CA CYS A 49 -11.01 -5.57 -3.46
C CYS A 49 -11.09 -6.03 -4.89
N GLU A 50 -11.57 -5.14 -5.75
CA GLU A 50 -11.63 -5.46 -7.19
C GLU A 50 -10.26 -5.88 -7.71
N ALA A 51 -9.25 -5.09 -7.37
CA ALA A 51 -7.93 -5.29 -7.86
C ALA A 51 -7.29 -6.64 -7.44
N PHE A 52 -7.46 -6.95 -6.17
CA PHE A 52 -6.97 -8.21 -5.63
C PHE A 52 -7.66 -9.40 -6.30
N THR A 53 -8.97 -9.29 -6.56
CA THR A 53 -9.66 -10.39 -7.28
C THR A 53 -9.15 -10.49 -8.72
N LYS A 54 -8.97 -9.35 -9.39
CA LYS A 54 -8.54 -9.35 -10.79
C LYS A 54 -7.21 -10.10 -10.94
N VAL A 55 -6.30 -9.93 -9.99
CA VAL A 55 -5.01 -10.62 -10.07
C VAL A 55 -4.97 -12.05 -9.55
N GLY A 56 -6.12 -12.60 -9.15
CA GLY A 56 -6.15 -13.96 -8.64
C GLY A 56 -5.63 -14.13 -7.24
N GLN A 57 -5.70 -13.06 -6.46
CA GLN A 57 -5.37 -13.10 -5.06
C GLN A 57 -6.58 -12.56 -4.27
N PRO A 58 -7.75 -13.18 -4.43
CA PRO A 58 -8.95 -12.59 -3.88
C PRO A 58 -8.90 -12.45 -2.35
N LYS A 59 -9.37 -11.27 -1.91
CA LYS A 59 -9.61 -10.96 -0.51
C LYS A 59 -11.07 -10.52 -0.36
N THR A 60 -11.65 -10.83 0.77
CA THR A 60 -12.99 -10.36 1.09
C THR A 60 -12.98 -8.85 1.34
N LEU A 61 -14.06 -8.16 0.95
CA LEU A 61 -14.15 -6.76 1.29
C LEU A 61 -14.02 -6.59 2.82
N ASN A 62 -14.57 -7.54 3.58
CA ASN A 62 -14.50 -7.45 5.02
C ASN A 62 -13.05 -7.38 5.52
N GLU A 63 -12.17 -8.19 4.96
CA GLU A 63 -10.77 -8.24 5.41
C GLU A 63 -10.10 -6.91 5.03
N ILE A 64 -10.41 -6.39 3.85
CA ILE A 64 -9.77 -5.14 3.40
C ILE A 64 -10.22 -4.01 4.34
N LYS A 65 -11.51 -3.93 4.63
CA LYS A 65 -11.99 -2.88 5.54
C LYS A 65 -11.37 -3.01 6.92
N ARG A 66 -11.16 -4.23 7.39
CA ARG A 66 -10.59 -4.43 8.69
C ARG A 66 -9.16 -3.90 8.71
N ILE A 67 -8.42 -4.17 7.65
CA ILE A 67 -7.03 -3.66 7.56
C ILE A 67 -7.01 -2.15 7.68
N LEU A 68 -7.96 -1.56 6.98
CA LEU A 68 -8.05 -0.10 6.93
C LEU A 68 -8.77 0.60 8.11
N SER A 69 -9.25 -0.16 9.08
CA SER A 69 -10.12 0.39 10.17
C SER A 69 -9.33 0.88 11.37
N SER B 8 20.15 20.21 2.14
CA SER B 8 20.42 19.62 0.79
C SER B 8 19.30 18.66 0.35
N GLU B 9 19.25 18.36 -0.93
CA GLU B 9 18.26 17.46 -1.49
C GLU B 9 18.51 16.03 -0.95
N ARG B 10 19.80 15.71 -0.72
CA ARG B 10 20.20 14.46 -0.10
C ARG B 10 19.61 14.35 1.31
N GLU B 11 19.83 15.36 2.15
CA GLU B 11 19.32 15.34 3.46
C GLU B 11 17.78 15.23 3.50
N LYS B 12 17.11 15.90 2.55
CA LYS B 12 15.66 15.85 2.39
C LYS B 12 15.19 14.43 2.06
N ARG B 13 15.85 13.78 1.09
CA ARG B 13 15.58 12.38 0.75
C ARG B 13 15.73 11.49 1.99
N VAL B 14 16.81 11.67 2.74
CA VAL B 14 17.02 10.76 3.87
C VAL B 14 16.02 11.04 4.99
N SER B 15 15.75 12.33 5.24
CA SER B 15 14.79 12.72 6.26
C SER B 15 13.38 12.17 5.93
N ASN B 16 12.95 12.32 4.68
CA ASN B 16 11.68 11.69 4.21
C ASN B 16 11.68 10.18 4.41
N ALA B 17 12.79 9.53 4.14
CA ALA B 17 12.95 8.07 4.38
C ALA B 17 12.81 7.71 5.82
N VAL B 18 13.45 8.49 6.70
CA VAL B 18 13.34 8.27 8.13
C VAL B 18 11.89 8.33 8.63
N GLU B 19 11.15 9.40 8.25
CA GLU B 19 9.75 9.61 8.66
C GLU B 19 8.93 8.42 8.13
N PHE B 20 9.24 7.99 6.92
CA PHE B 20 8.58 6.82 6.32
C PHE B 20 8.82 5.56 7.13
N LEU B 21 10.09 5.26 7.46
CA LEU B 21 10.45 4.04 8.16
C LEU B 21 9.86 3.99 9.57
N LEU B 22 9.60 5.16 10.16
CA LEU B 22 9.10 5.20 11.54
C LEU B 22 7.61 4.94 11.66
N ASP B 23 6.89 5.06 10.54
CA ASP B 23 5.44 4.81 10.55
C ASP B 23 5.13 3.39 11.04
N SER B 24 4.12 3.23 11.91
CA SER B 24 3.87 1.95 12.55
C SER B 24 3.48 0.81 11.53
N ARG B 25 2.77 1.20 10.51
CA ARG B 25 2.42 0.23 9.43
C ARG B 25 3.62 -0.16 8.59
N VAL B 26 4.47 0.83 8.37
CA VAL B 26 5.68 0.60 7.62
C VAL B 26 6.66 -0.30 8.41
N ARG B 27 6.71 -0.11 9.75
CA ARG B 27 7.49 -0.98 10.60
C ARG B 27 7.07 -2.43 10.48
N ARG B 28 5.79 -2.65 10.13
CA ARG B 28 5.27 -4.00 9.89
C ARG B 28 5.34 -4.48 8.47
N THR B 29 6.18 -3.82 7.68
CA THR B 29 6.45 -4.16 6.29
C THR B 29 7.90 -4.66 6.16
N PRO B 30 8.16 -5.76 5.43
CA PRO B 30 9.53 -6.32 5.29
C PRO B 30 10.53 -5.31 4.72
N THR B 31 11.78 -5.48 5.16
CA THR B 31 12.90 -4.74 4.63
C THR B 31 12.95 -4.64 3.10
N SER B 32 12.89 -5.77 2.40
CA SER B 32 13.00 -5.76 0.97
C SER B 32 12.01 -4.77 0.38
N SER B 33 10.75 -4.92 0.77
CA SER B 33 9.68 -4.06 0.24
C SER B 33 9.94 -2.58 0.43
N LYS B 34 10.41 -2.24 1.61
CA LYS B 34 10.78 -0.85 1.93
C LYS B 34 12.00 -0.36 1.13
N VAL B 35 12.98 -1.23 0.94
CA VAL B 35 14.16 -0.89 0.10
C VAL B 35 13.76 -0.58 -1.35
N HIS B 36 12.94 -1.43 -1.95
CA HIS B 36 12.50 -1.20 -3.29
C HIS B 36 11.73 0.09 -3.37
N PHE B 37 10.86 0.33 -2.41
CA PHE B 37 10.11 1.56 -2.39
C PHE B 37 10.97 2.78 -2.29
N LEU B 38 11.97 2.72 -1.40
CA LEU B 38 12.80 3.89 -1.24
C LEU B 38 13.58 4.16 -2.51
N LYS B 39 14.00 3.10 -3.19
CA LYS B 39 14.72 3.29 -4.47
C LYS B 39 13.77 4.00 -5.46
N SER B 40 12.49 3.58 -5.48
CA SER B 40 11.47 4.23 -6.35
C SER B 40 11.22 5.70 -6.07
N LYS B 41 11.50 6.15 -4.83
CA LYS B 41 11.44 7.53 -4.47
C LYS B 41 12.76 8.26 -4.74
N GLY B 42 13.68 7.62 -5.41
CA GLY B 42 14.94 8.28 -5.86
C GLY B 42 16.17 8.22 -4.94
N LEU B 43 16.06 7.47 -3.85
CA LEU B 43 17.22 7.27 -2.98
C LEU B 43 18.22 6.28 -3.55
N SER B 44 19.51 6.59 -3.37
CA SER B 44 20.56 5.63 -3.68
C SER B 44 20.61 4.59 -2.61
N ALA B 45 21.33 3.49 -2.90
CA ALA B 45 21.52 2.46 -1.89
C ALA B 45 22.17 3.04 -0.61
N GLU B 46 23.16 3.91 -0.78
CA GLU B 46 23.85 4.48 0.37
C GLU B 46 22.92 5.33 1.27
N GLU B 47 22.02 6.08 0.65
CA GLU B 47 21.06 6.87 1.36
C GLU B 47 20.05 6.00 2.11
N ILE B 48 19.59 4.94 1.45
CA ILE B 48 18.72 3.95 2.08
C ILE B 48 19.43 3.33 3.31
N CYS B 49 20.70 2.97 3.16
CA CYS B 49 21.54 2.47 4.26
C CYS B 49 21.56 3.48 5.44
N GLU B 50 21.74 4.76 5.12
CA GLU B 50 21.79 5.79 6.15
C GLU B 50 20.48 5.82 6.91
N ALA B 51 19.37 5.82 6.17
CA ALA B 51 18.07 5.92 6.77
C ALA B 51 17.80 4.80 7.75
N PHE B 52 18.13 3.60 7.31
CA PHE B 52 17.91 2.43 8.16
C PHE B 52 18.74 2.49 9.43
N THR B 53 19.98 2.94 9.29
CA THR B 53 20.84 3.15 10.46
C THR B 53 20.26 4.17 11.39
N LYS B 54 19.77 5.29 10.84
CA LYS B 54 19.22 6.37 11.68
C LYS B 54 18.07 5.91 12.55
N VAL B 55 17.22 5.05 12.02
CA VAL B 55 16.06 4.57 12.79
C VAL B 55 16.39 3.38 13.66
N GLY B 56 17.66 2.99 13.74
CA GLY B 56 18.08 1.88 14.59
C GLY B 56 17.73 0.52 14.08
N GLN B 57 17.63 0.41 12.76
CA GLN B 57 17.41 -0.88 12.12
C GLN B 57 18.52 -1.06 11.08
N PRO B 58 19.79 -0.99 11.49
CA PRO B 58 20.90 -0.96 10.52
C PRO B 58 20.95 -2.20 9.57
N LYS B 59 21.22 -1.92 8.32
CA LYS B 59 21.46 -2.93 7.30
C LYS B 59 22.81 -2.62 6.63
N THR B 60 23.54 -3.67 6.23
CA THR B 60 24.76 -3.50 5.43
C THR B 60 24.43 -2.95 4.03
N LEU B 61 25.33 -2.14 3.49
CA LEU B 61 25.22 -1.73 2.14
C LEU B 61 25.19 -2.93 1.18
N ASN B 62 25.92 -4.00 1.51
CA ASN B 62 25.88 -5.24 0.71
C ASN B 62 24.46 -5.84 0.61
N GLU B 63 23.76 -5.89 1.73
CA GLU B 63 22.40 -6.42 1.75
C GLU B 63 21.44 -5.51 0.94
N ILE B 64 21.56 -4.20 1.11
CA ILE B 64 20.70 -3.30 0.38
C ILE B 64 20.93 -3.44 -1.15
N LYS B 65 22.19 -3.44 -1.57
CA LYS B 65 22.49 -3.62 -3.01
C LYS B 65 21.98 -4.97 -3.53
N ARG B 66 22.09 -6.00 -2.71
CA ARG B 66 21.65 -7.32 -3.09
C ARG B 66 20.16 -7.32 -3.31
N ILE B 67 19.41 -6.74 -2.37
CA ILE B 67 17.95 -6.57 -2.55
C ILE B 67 17.62 -5.90 -3.86
N LEU B 68 18.36 -4.86 -4.18
CA LEU B 68 18.11 -4.05 -5.38
C LEU B 68 18.67 -4.65 -6.70
N SER B 69 19.33 -5.80 -6.63
CA SER B 69 20.04 -6.35 -7.79
C SER B 69 19.18 -7.30 -8.60
N SER C 8 20.63 -29.47 13.06
CA SER C 8 20.24 -28.97 14.41
C SER C 8 18.72 -29.01 14.60
N GLU C 9 18.29 -28.93 15.85
CA GLU C 9 16.89 -29.02 16.19
C GLU C 9 16.17 -27.77 15.66
N ARG C 10 16.91 -26.67 15.69
CA ARG C 10 16.45 -25.44 15.12
C ARG C 10 16.18 -25.58 13.64
N GLU C 11 17.14 -26.07 12.88
CA GLU C 11 16.94 -26.25 11.44
C GLU C 11 15.79 -27.21 11.13
N LYS C 12 15.62 -28.25 11.95
CA LYS C 12 14.49 -29.20 11.79
C LYS C 12 13.14 -28.51 11.98
N ARG C 13 13.02 -27.71 13.06
CA ARG C 13 11.82 -26.90 13.33
C ARG C 13 11.51 -26.00 12.13
N VAL C 14 12.51 -25.31 11.64
CA VAL C 14 12.26 -24.41 10.54
C VAL C 14 11.89 -25.17 9.24
N SER C 15 12.57 -26.31 8.99
CA SER C 15 12.33 -27.09 7.81
C SER C 15 10.89 -27.66 7.81
N ASN C 16 10.47 -28.11 8.97
CA ASN C 16 9.07 -28.59 9.17
C ASN C 16 8.08 -27.46 8.96
N ALA C 17 8.43 -26.27 9.46
CA ALA C 17 7.57 -25.09 9.21
C ALA C 17 7.45 -24.74 7.76
N VAL C 18 8.58 -24.75 7.05
CA VAL C 18 8.55 -24.52 5.61
C VAL C 18 7.61 -25.50 4.87
N GLU C 19 7.74 -26.80 5.14
CA GLU C 19 6.91 -27.81 4.49
C GLU C 19 5.42 -27.52 4.78
N PHE C 20 5.15 -27.13 6.03
CA PHE C 20 3.80 -26.76 6.45
C PHE C 20 3.27 -25.58 5.64
N LEU C 21 4.06 -24.51 5.53
CA LEU C 21 3.62 -23.27 4.90
C LEU C 21 3.38 -23.50 3.40
N LEU C 22 4.04 -24.51 2.84
CA LEU C 22 3.90 -24.74 1.38
C LEU C 22 2.60 -25.48 0.98
N ASP C 23 1.98 -26.14 1.96
CA ASP C 23 0.75 -26.90 1.70
C ASP C 23 -0.35 -25.99 1.14
N SER C 24 -1.02 -26.43 0.06
CA SER C 24 -1.99 -25.53 -0.65
C SER C 24 -3.19 -25.05 0.23
N ARG C 25 -3.61 -25.91 1.14
CA ARG C 25 -4.69 -25.56 2.08
C ARG C 25 -4.17 -24.59 3.15
N VAL C 26 -2.90 -24.76 3.50
CA VAL C 26 -2.28 -23.89 4.46
C VAL C 26 -2.09 -22.49 3.82
N ARG C 27 -1.71 -22.42 2.54
CA ARG C 27 -1.56 -21.16 1.84
C ARG C 27 -2.85 -20.35 1.85
N ARG C 28 -3.98 -21.05 1.89
CA ARG C 28 -5.29 -20.38 1.91
C ARG C 28 -5.75 -20.01 3.33
N THR C 29 -4.87 -20.20 4.32
CA THR C 29 -5.13 -19.97 5.74
C THR C 29 -4.45 -18.68 6.15
N PRO C 30 -5.13 -17.82 6.94
CA PRO C 30 -4.52 -16.53 7.30
C PRO C 30 -3.19 -16.63 8.00
N THR C 31 -2.36 -15.61 7.81
CA THR C 31 -1.09 -15.49 8.49
C THR C 31 -1.18 -15.66 10.00
N SER C 32 -2.07 -14.92 10.66
CA SER C 32 -2.22 -15.01 12.11
C SER C 32 -2.39 -16.47 12.58
N SER C 33 -3.31 -17.20 11.95
CA SER C 33 -3.54 -18.57 12.28
C SER C 33 -2.30 -19.44 12.21
N LYS C 34 -1.53 -19.27 11.09
CA LYS C 34 -0.31 -20.03 10.89
C LYS C 34 0.81 -19.66 11.86
N VAL C 35 0.83 -18.41 12.24
CA VAL C 35 1.75 -18.00 13.28
C VAL C 35 1.46 -18.58 14.66
N HIS C 36 0.19 -18.56 15.07
CA HIS C 36 -0.12 -19.17 16.31
C HIS C 36 0.19 -20.65 16.27
N PHE C 37 -0.17 -21.31 15.15
CA PHE C 37 0.13 -22.72 15.03
C PHE C 37 1.57 -23.04 15.15
N LEU C 38 2.41 -22.26 14.49
CA LEU C 38 3.82 -22.56 14.56
C LEU C 38 4.39 -22.38 15.96
N LYS C 39 3.85 -21.42 16.71
CA LYS C 39 4.31 -21.20 18.10
C LYS C 39 3.95 -22.45 18.88
N SER C 40 2.74 -22.98 18.64
CA SER C 40 2.27 -24.22 19.34
C SER C 40 3.11 -25.44 19.05
N LYS C 41 3.82 -25.46 17.92
CA LYS C 41 4.74 -26.53 17.57
C LYS C 41 6.13 -26.28 18.13
N GLY C 42 6.31 -25.21 18.88
CA GLY C 42 7.58 -24.96 19.57
C GLY C 42 8.56 -24.02 18.92
N LEU C 43 8.14 -23.37 17.84
CA LEU C 43 9.00 -22.41 17.18
C LEU C 43 8.99 -21.06 17.93
N SER C 44 10.17 -20.42 17.96
CA SER C 44 10.26 -19.06 18.45
C SER C 44 9.77 -18.12 17.36
N ALA C 45 9.55 -16.86 17.72
CA ALA C 45 9.07 -15.89 16.77
C ALA C 45 10.14 -15.74 15.67
N GLU C 46 11.41 -15.79 16.05
CA GLU C 46 12.50 -15.67 15.04
C GLU C 46 12.50 -16.82 14.02
N GLU C 47 12.28 -18.04 14.51
CA GLU C 47 12.22 -19.21 13.68
C GLU C 47 11.00 -19.13 12.74
N ILE C 48 9.88 -18.63 13.28
CA ILE C 48 8.65 -18.39 12.43
C ILE C 48 8.93 -17.38 11.30
N CYS C 49 9.60 -16.30 11.67
CA CYS C 49 10.05 -15.29 10.72
C CYS C 49 10.91 -15.93 9.59
N GLU C 50 11.86 -16.76 9.99
CA GLU C 50 12.76 -17.39 9.02
C GLU C 50 12.03 -18.24 8.06
N ALA C 51 11.06 -18.98 8.60
CA ALA C 51 10.23 -19.86 7.78
C ALA C 51 9.42 -19.13 6.70
N PHE C 52 8.77 -18.05 7.11
CA PHE C 52 7.97 -17.26 6.22
C PHE C 52 8.86 -16.66 5.12
N THR C 53 10.06 -16.21 5.49
CA THR C 53 11.02 -15.63 4.51
C THR C 53 11.46 -16.72 3.54
N LYS C 54 11.74 -17.92 4.05
CA LYS C 54 12.20 -19.00 3.19
C LYS C 54 11.16 -19.34 2.10
N VAL C 55 9.88 -19.34 2.44
CA VAL C 55 8.85 -19.64 1.43
C VAL C 55 8.44 -18.46 0.57
N GLY C 56 9.13 -17.33 0.69
CA GLY C 56 8.80 -16.13 -0.10
C GLY C 56 7.57 -15.38 0.29
N GLN C 57 7.19 -15.51 1.56
CA GLN C 57 6.07 -14.76 2.11
C GLN C 57 6.61 -14.00 3.35
N PRO C 58 7.67 -13.17 3.19
CA PRO C 58 8.29 -12.58 4.34
C PRO C 58 7.34 -11.73 5.18
N LYS C 59 7.50 -11.86 6.49
CA LYS C 59 6.79 -11.08 7.48
C LYS C 59 7.88 -10.53 8.41
N THR C 60 7.64 -9.36 8.92
CA THR C 60 8.54 -8.75 9.88
C THR C 60 8.48 -9.51 11.21
N LEU C 61 9.58 -9.55 11.91
CA LEU C 61 9.57 -10.00 13.29
C LEU C 61 8.57 -9.20 14.15
N ASN C 62 8.47 -7.89 13.88
CA ASN C 62 7.48 -7.02 14.53
C ASN C 62 6.06 -7.59 14.43
N GLU C 63 5.66 -7.98 13.21
CA GLU C 63 4.31 -8.43 12.96
C GLU C 63 4.12 -9.74 13.68
N ILE C 64 5.11 -10.60 13.62
CA ILE C 64 4.97 -11.94 14.19
C ILE C 64 4.81 -11.84 15.73
N LYS C 65 5.66 -11.04 16.36
CA LYS C 65 5.52 -10.82 17.83
C LYS C 65 4.17 -10.14 18.17
N ARG C 66 3.66 -9.22 17.33
CA ARG C 66 2.40 -8.54 17.56
C ARG C 66 1.27 -9.56 17.51
N ILE C 67 1.27 -10.45 16.52
CA ILE C 67 0.29 -11.55 16.46
C ILE C 67 0.29 -12.38 17.72
N LEU C 68 1.47 -12.67 18.21
CA LEU C 68 1.65 -13.55 19.36
C LEU C 68 1.43 -12.85 20.73
N SER C 69 1.21 -11.54 20.73
CA SER C 69 1.21 -10.71 21.99
C SER C 69 -0.16 -10.59 22.63
N SER D 8 -16.17 8.04 3.05
CA SER D 8 -15.70 7.31 1.85
C SER D 8 -14.75 8.16 1.02
N GLU D 9 -14.00 7.50 0.17
CA GLU D 9 -13.06 8.21 -0.73
C GLU D 9 -13.86 9.08 -1.70
N ARG D 10 -15.04 8.62 -2.11
CA ARG D 10 -15.94 9.39 -2.96
C ARG D 10 -16.31 10.69 -2.27
N GLU D 11 -16.79 10.59 -1.03
CA GLU D 11 -17.21 11.80 -0.31
C GLU D 11 -16.04 12.76 -0.09
N LYS D 12 -14.85 12.22 0.11
CA LYS D 12 -13.60 12.97 0.28
C LYS D 12 -13.28 13.76 -0.98
N ARG D 13 -13.39 13.09 -2.13
CA ARG D 13 -13.18 13.75 -3.42
C ARG D 13 -14.16 14.87 -3.59
N VAL D 14 -15.43 14.61 -3.31
CA VAL D 14 -16.45 15.64 -3.59
C VAL D 14 -16.28 16.83 -2.59
N SER D 15 -16.00 16.52 -1.31
CA SER D 15 -15.78 17.55 -0.30
C SER D 15 -14.59 18.45 -0.68
N ASN D 16 -13.51 17.85 -1.10
CA ASN D 16 -12.31 18.58 -1.56
C ASN D 16 -12.65 19.45 -2.73
N ALA D 17 -13.47 18.91 -3.63
CA ALA D 17 -13.93 19.73 -4.81
C ALA D 17 -14.75 20.92 -4.41
N VAL D 18 -15.69 20.69 -3.50
CA VAL D 18 -16.44 21.80 -2.96
C VAL D 18 -15.57 22.90 -2.38
N GLU D 19 -14.65 22.53 -1.50
CA GLU D 19 -13.74 23.51 -0.85
C GLU D 19 -13.03 24.29 -1.95
N PHE D 20 -12.63 23.59 -3.00
CA PHE D 20 -11.88 24.21 -4.12
C PHE D 20 -12.74 25.23 -4.88
N LEU D 21 -13.95 24.82 -5.23
CA LEU D 21 -14.87 25.69 -6.01
C LEU D 21 -15.32 26.91 -5.23
N LEU D 22 -15.32 26.83 -3.90
CA LEU D 22 -15.72 27.99 -3.08
C LEU D 22 -14.64 29.06 -3.01
N ASP D 23 -13.39 28.68 -3.26
CA ASP D 23 -12.25 29.55 -3.02
C ASP D 23 -12.36 30.85 -3.86
N SER D 24 -12.11 31.98 -3.19
CA SER D 24 -12.25 33.30 -3.85
C SER D 24 -11.30 33.43 -5.08
N ARG D 25 -10.15 32.77 -5.00
CA ARG D 25 -9.21 32.83 -6.15
C ARG D 25 -9.69 32.15 -7.43
N VAL D 26 -10.59 31.13 -7.28
CA VAL D 26 -11.18 30.17 -8.25
C VAL D 26 -12.33 30.98 -9.00
N ARG D 27 -12.69 32.21 -8.55
CA ARG D 27 -13.93 32.87 -8.99
C ARG D 27 -13.96 33.24 -10.46
N ARG D 28 -12.85 33.77 -10.98
CA ARG D 28 -12.75 34.12 -12.39
C ARG D 28 -12.17 33.02 -13.22
N THR D 29 -12.08 31.83 -12.65
CA THR D 29 -11.49 30.78 -13.40
C THR D 29 -12.63 30.19 -14.19
N PRO D 30 -12.43 29.94 -15.51
CA PRO D 30 -13.49 29.34 -16.33
C PRO D 30 -13.91 27.95 -15.86
N THR D 31 -15.18 27.63 -16.06
CA THR D 31 -15.68 26.29 -15.79
C THR D 31 -14.87 25.18 -16.41
N SER D 32 -14.55 25.28 -17.70
CA SER D 32 -13.78 24.25 -18.34
C SER D 32 -12.50 23.91 -17.58
N SER D 33 -11.75 24.96 -17.19
CA SER D 33 -10.47 24.80 -16.46
C SER D 33 -10.70 24.05 -15.16
N LYS D 34 -11.75 24.46 -14.46
CA LYS D 34 -12.06 23.82 -13.18
C LYS D 34 -12.44 22.35 -13.37
N VAL D 35 -13.24 22.07 -14.41
CA VAL D 35 -13.61 20.68 -14.71
C VAL D 35 -12.41 19.81 -15.06
N HIS D 36 -11.53 20.28 -15.95
CA HIS D 36 -10.34 19.49 -16.26
C HIS D 36 -9.51 19.27 -15.01
N PHE D 37 -9.37 20.31 -14.19
CA PHE D 37 -8.59 20.19 -12.97
C PHE D 37 -9.18 19.13 -12.06
N LEU D 38 -10.50 19.16 -11.87
CA LEU D 38 -11.11 18.20 -10.99
C LEU D 38 -10.94 16.77 -11.53
N LYS D 39 -10.98 16.59 -12.86
CA LYS D 39 -10.76 15.25 -13.38
C LYS D 39 -9.30 14.81 -13.05
N SER D 40 -8.35 15.74 -13.17
CA SER D 40 -6.93 15.44 -12.81
C SER D 40 -6.72 15.07 -11.35
N LYS D 41 -7.63 15.48 -10.46
CA LYS D 41 -7.63 15.09 -9.08
C LYS D 41 -8.38 13.76 -8.83
N GLY D 42 -8.81 13.10 -9.90
CA GLY D 42 -9.43 11.78 -9.82
C GLY D 42 -10.93 11.70 -9.74
N LEU D 43 -11.62 12.85 -9.88
CA LEU D 43 -13.09 12.86 -9.85
C LEU D 43 -13.72 12.36 -11.17
N SER D 44 -14.82 11.63 -11.05
CA SER D 44 -15.62 11.30 -12.20
C SER D 44 -16.45 12.49 -12.62
N ALA D 45 -17.03 12.42 -13.82
CA ALA D 45 -17.91 13.51 -14.30
C ALA D 45 -19.09 13.67 -13.31
N GLU D 46 -19.61 12.54 -12.81
CA GLU D 46 -20.76 12.60 -11.86
C GLU D 46 -20.39 13.30 -10.56
N GLU D 47 -19.18 13.00 -10.06
CA GLU D 47 -18.69 13.62 -8.84
C GLU D 47 -18.48 15.15 -9.05
N ILE D 48 -17.90 15.52 -10.19
CA ILE D 48 -17.77 16.92 -10.57
C ILE D 48 -19.15 17.66 -10.58
N CYS D 49 -20.08 17.04 -11.22
CA CYS D 49 -21.48 17.52 -11.26
C CYS D 49 -22.04 17.75 -9.87
N GLU D 50 -21.85 16.77 -9.00
CA GLU D 50 -22.30 16.89 -7.65
C GLU D 50 -21.73 18.10 -6.95
N ALA D 51 -20.43 18.30 -7.13
CA ALA D 51 -19.73 19.36 -6.47
C ALA D 51 -20.25 20.72 -6.93
N PHE D 52 -20.40 20.89 -8.23
CA PHE D 52 -20.90 22.17 -8.77
C PHE D 52 -22.29 22.49 -8.26
N THR D 53 -23.14 21.48 -8.17
CA THR D 53 -24.49 21.68 -7.62
C THR D 53 -24.45 22.05 -6.13
N LYS D 54 -23.66 21.34 -5.35
CA LYS D 54 -23.53 21.64 -3.95
C LYS D 54 -23.15 23.09 -3.70
N VAL D 55 -22.24 23.65 -4.50
CA VAL D 55 -21.81 25.03 -4.26
C VAL D 55 -22.73 26.08 -4.85
N GLY D 56 -23.85 25.66 -5.44
CA GLY D 56 -24.76 26.63 -6.06
C GLY D 56 -24.34 27.23 -7.37
N GLN D 57 -23.53 26.47 -8.11
CA GLN D 57 -23.14 26.83 -9.47
C GLN D 57 -23.46 25.61 -10.35
N PRO D 58 -24.72 25.17 -10.34
CA PRO D 58 -25.02 23.92 -11.03
C PRO D 58 -24.73 23.89 -12.53
N LYS D 59 -24.23 22.73 -12.96
CA LYS D 59 -23.91 22.43 -14.32
C LYS D 59 -24.57 21.08 -14.63
N THR D 60 -25.04 20.93 -15.85
CA THR D 60 -25.61 19.64 -16.31
C THR D 60 -24.46 18.63 -16.43
N LEU D 61 -24.76 17.36 -16.15
CA LEU D 61 -23.81 16.32 -16.45
C LEU D 61 -23.39 16.34 -17.94
N ASN D 62 -24.34 16.65 -18.83
CA ASN D 62 -24.01 16.77 -20.26
C ASN D 62 -22.90 17.81 -20.54
N GLU D 63 -22.99 18.98 -19.91
CA GLU D 63 -22.00 20.04 -20.14
C GLU D 63 -20.62 19.58 -19.59
N ILE D 64 -20.64 18.90 -18.44
CA ILE D 64 -19.39 18.41 -17.88
C ILE D 64 -18.73 17.34 -18.77
N LYS D 65 -19.51 16.35 -19.22
CA LYS D 65 -19.01 15.34 -20.15
C LYS D 65 -18.49 15.97 -21.46
N ARG D 66 -19.15 17.02 -21.93
CA ARG D 66 -18.75 17.64 -23.16
C ARG D 66 -17.39 18.29 -22.99
N ILE D 67 -17.19 18.99 -21.86
CA ILE D 67 -15.87 19.57 -21.57
C ILE D 67 -14.76 18.48 -21.55
N LEU D 68 -15.04 17.37 -20.93
CA LEU D 68 -14.09 16.29 -20.81
C LEU D 68 -13.94 15.38 -22.06
N SER D 69 -14.71 15.64 -23.12
CA SER D 69 -14.76 14.75 -24.31
C SER D 69 -13.68 15.12 -25.34
#